data_3J4J
#
_entry.id   3J4J
#
_cell.length_a   1.000
_cell.length_b   1.000
_cell.length_c   1.000
_cell.angle_alpha   90.00
_cell.angle_beta   90.00
_cell.angle_gamma   90.00
#
_symmetry.space_group_name_H-M   'P 1'
#
_entity_poly.entity_id   1
_entity_poly.type   'polypeptide(L)'
_entity_poly.pdbx_seq_one_letter_code
;MAKVRIYQLAKELGMETQELLELLDQMGVAYKSHASTLEEKDAEAVRELVKEQRGLQEKLAEEERRKSLPRRPPVVVIMG
HVDHGKTTLLDYLRKSRIAEKEAGGITQHVGAFEVKTPQGTVVFIDTPGHEAFTTIRQRGAKVADIAVIVIAADDGIMPQ
TEEAIAHAKAAGAKLIFAINKIDLPQADPEKVKRQLMERGFVPEEYGGDAIVIPISAKTGQGVQDLLEMILLLAELEDYR
ADPNAEPRGVILESKLDKQAGIIANMLVQEGTFRVGDYVVAGEAYGRIRAMMDADGNQRKEAGPGSAVQVLGFQELPHAG
DVVEWVPDLEAAKEIAEERKEERKAREEEEKARAPATMAALLAAMAEEGAKELNLILRADTQGSLEAIQHILARATTEDV
KINILAAQVGAPTESDVLLAQTANAAILAFGVNPPGSVKKKAEEKGVLLKTFRIIYDLVDEVRNMVKGAREPQYKEEVLG
QAEVRAIFRLPTGKQVAGCMVTQGRIPRNAEVRVLRDGQVIWQGRIASLKRFKEDVREVAQGYECGIGLDGFDDFREGDV
IEAFQMVEV
;
_entity_poly.pdbx_strand_id   A
#
# COMPACT_ATOMS: atom_id res chain seq x y z
N MET A 1 -7.56 -70.87 -1.95
CA MET A 1 -8.06 -70.10 -0.86
C MET A 1 -9.21 -70.80 -0.15
N ALA A 2 -9.60 -70.25 1.07
CA ALA A 2 -10.74 -70.70 1.88
C ALA A 2 -10.63 -72.22 2.14
N LYS A 3 -9.51 -72.73 2.75
CA LYS A 3 -8.48 -72.33 3.68
C LYS A 3 -7.03 -72.02 3.13
N VAL A 4 -6.06 -71.73 3.96
CA VAL A 4 -4.73 -71.20 3.86
C VAL A 4 -3.55 -71.86 4.50
N ARG A 5 -2.42 -72.13 3.93
CA ARG A 5 -1.16 -72.36 4.70
C ARG A 5 -0.24 -71.11 4.80
N ILE A 6 0.35 -70.83 5.96
CA ILE A 6 1.33 -69.73 6.08
C ILE A 6 2.35 -69.61 4.96
N TYR A 7 2.96 -70.64 4.39
CA TYR A 7 3.71 -70.64 3.10
C TYR A 7 3.04 -70.03 1.80
N GLN A 8 1.74 -70.16 1.68
CA GLN A 8 0.92 -69.46 0.64
C GLN A 8 0.66 -68.00 1.00
N LEU A 9 0.40 -67.62 2.30
CA LEU A 9 0.32 -66.27 2.88
C LEU A 9 1.60 -65.42 2.52
N ALA A 10 2.79 -66.02 2.63
CA ALA A 10 4.13 -65.51 2.20
C ALA A 10 4.36 -65.30 0.70
N LYS A 11 3.95 -66.27 -0.18
CA LYS A 11 4.01 -66.11 -1.69
C LYS A 11 3.03 -65.08 -2.32
N GLU A 12 1.90 -64.82 -1.73
CA GLU A 12 0.84 -63.83 -1.85
C GLU A 12 1.30 -62.44 -1.37
N LEU A 13 1.72 -62.30 -0.17
CA LEU A 13 2.36 -61.04 0.36
C LEU A 13 3.51 -60.56 -0.43
N GLY A 14 4.54 -61.40 -0.62
CA GLY A 14 5.83 -61.32 -1.25
C GLY A 14 6.93 -61.12 -0.26
N MET A 15 6.91 -62.01 0.82
CA MET A 15 7.63 -61.99 2.05
C MET A 15 8.32 -63.31 2.41
N GLU A 16 9.48 -63.49 3.01
CA GLU A 16 10.14 -64.73 3.36
C GLU A 16 9.39 -65.55 4.43
N THR A 17 9.38 -66.90 4.40
CA THR A 17 8.98 -67.84 5.43
C THR A 17 9.38 -67.41 6.83
N GLN A 18 10.60 -66.86 6.90
CA GLN A 18 11.15 -66.42 8.24
C GLN A 18 10.72 -65.02 8.60
N GLU A 19 10.58 -64.09 7.69
CA GLU A 19 9.93 -62.75 7.84
C GLU A 19 8.51 -62.83 8.41
N LEU A 20 7.61 -63.72 7.82
CA LEU A 20 6.28 -64.03 8.26
C LEU A 20 6.17 -64.73 9.61
N LEU A 21 7.16 -65.56 9.94
CA LEU A 21 7.34 -66.07 11.26
C LEU A 21 7.75 -64.94 12.28
N GLU A 22 8.68 -64.10 11.93
CA GLU A 22 9.01 -62.83 12.66
C GLU A 22 7.88 -61.89 12.99
N LEU A 23 6.99 -61.74 12.09
CA LEU A 23 5.67 -61.04 12.23
C LEU A 23 4.70 -61.72 13.19
N LEU A 24 4.55 -63.01 13.01
CA LEU A 24 3.79 -63.82 14.02
C LEU A 24 4.43 -63.90 15.42
N ASP A 25 5.75 -64.01 15.58
CA ASP A 25 6.58 -63.86 16.85
C ASP A 25 6.57 -62.40 17.48
N GLN A 26 6.26 -61.29 16.83
CA GLN A 26 5.93 -60.04 17.46
C GLN A 26 4.47 -59.96 17.87
N MET A 27 3.57 -60.50 17.06
CA MET A 27 2.09 -60.52 17.40
C MET A 27 1.79 -61.34 18.65
N GLY A 28 2.66 -62.29 19.10
CA GLY A 28 2.36 -63.20 20.24
C GLY A 28 1.37 -64.36 19.89
N VAL A 29 1.27 -64.71 18.56
CA VAL A 29 0.48 -65.79 17.93
C VAL A 29 1.12 -67.18 18.10
N ALA A 30 0.43 -68.19 18.67
CA ALA A 30 0.97 -69.52 18.88
C ALA A 30 0.90 -70.34 17.57
N TYR A 31 1.97 -70.99 17.26
CA TYR A 31 2.15 -71.74 16.01
C TYR A 31 3.00 -73.00 16.34
N LYS A 32 2.89 -74.05 15.49
CA LYS A 32 3.73 -75.33 15.46
C LYS A 32 4.77 -75.32 14.32
N SER A 33 4.37 -74.97 13.10
CA SER A 33 5.28 -74.85 11.93
C SER A 33 4.68 -73.92 10.89
N HIS A 34 5.36 -73.51 9.81
CA HIS A 34 4.77 -72.72 8.68
C HIS A 34 3.60 -73.46 7.89
N ALA A 35 3.47 -74.76 8.09
CA ALA A 35 2.26 -75.58 7.76
C ALA A 35 1.05 -75.50 8.68
N SER A 36 1.17 -74.94 9.89
CA SER A 36 0.09 -74.61 10.72
C SER A 36 -1.07 -73.81 10.19
N THR A 37 -2.28 -73.99 10.79
CA THR A 37 -3.45 -73.16 10.46
C THR A 37 -3.55 -71.81 11.09
N LEU A 38 -4.15 -70.75 10.55
CA LEU A 38 -4.53 -69.56 11.36
C LEU A 38 -6.03 -69.50 11.55
N GLU A 39 -6.44 -68.81 12.65
CA GLU A 39 -7.82 -68.46 12.96
C GLU A 39 -8.28 -67.26 12.18
N GLU A 40 -9.56 -67.24 11.68
CA GLU A 40 -10.19 -66.10 11.10
C GLU A 40 -9.96 -64.69 11.71
N LYS A 41 -10.01 -64.50 13.09
CA LYS A 41 -9.65 -63.33 13.90
C LYS A 41 -8.14 -63.02 13.72
N ASP A 42 -7.28 -64.00 13.73
CA ASP A 42 -5.79 -63.87 13.64
C ASP A 42 -5.25 -63.62 12.23
N ALA A 43 -5.77 -64.09 11.10
CA ALA A 43 -5.43 -63.60 9.82
C ALA A 43 -5.92 -62.14 9.46
N GLU A 44 -7.10 -61.87 9.94
CA GLU A 44 -7.66 -60.53 9.90
C GLU A 44 -7.07 -59.43 10.74
N ALA A 45 -6.69 -59.73 12.03
CA ALA A 45 -5.71 -58.92 12.81
C ALA A 45 -4.33 -58.69 12.17
N VAL A 46 -3.73 -59.51 11.36
CA VAL A 46 -2.59 -59.16 10.41
C VAL A 46 -2.97 -58.22 9.31
N ARG A 47 -3.92 -58.45 8.41
CA ARG A 47 -4.52 -57.63 7.36
C ARG A 47 -4.81 -56.17 7.80
N GLU A 48 -5.65 -55.92 8.83
CA GLU A 48 -5.90 -54.56 9.45
C GLU A 48 -4.70 -53.89 10.03
N LEU A 49 -3.87 -54.47 10.97
CA LEU A 49 -2.67 -53.79 11.41
C LEU A 49 -1.68 -53.29 10.35
N VAL A 50 -1.69 -53.94 9.22
CA VAL A 50 -0.89 -53.58 7.98
C VAL A 50 -1.32 -52.24 7.46
N LYS A 51 -2.41 -51.57 7.88
CA LYS A 51 -2.91 -50.30 7.35
C LYS A 51 -2.37 -48.97 7.94
N GLU A 52 -2.18 -49.13 9.27
CA GLU A 52 -1.34 -48.18 10.03
C GLU A 52 0.15 -48.13 9.69
N GLN A 53 0.73 -49.35 9.55
CA GLN A 53 2.15 -49.51 9.17
C GLN A 53 2.48 -49.15 7.68
N ARG A 54 1.72 -49.57 6.72
CA ARG A 54 1.74 -48.92 5.37
C ARG A 54 1.49 -47.45 5.31
N GLY A 55 0.52 -46.96 6.10
CA GLY A 55 0.23 -45.48 6.05
C GLY A 55 1.35 -44.60 6.56
N LEU A 56 2.03 -45.12 7.57
CA LEU A 56 3.36 -44.66 8.08
C LEU A 56 4.59 -44.89 7.21
N GLN A 57 4.77 -46.01 6.52
CA GLN A 57 5.80 -46.27 5.52
C GLN A 57 5.79 -45.42 4.21
N GLU A 58 4.53 -44.90 3.94
CA GLU A 58 4.34 -43.72 2.97
C GLU A 58 4.43 -42.34 3.59
N LYS A 59 4.05 -42.10 4.91
CA LYS A 59 4.30 -40.82 5.50
C LYS A 59 5.85 -40.56 5.67
N LEU A 60 6.56 -41.60 6.14
CA LEU A 60 8.07 -41.59 6.13
C LEU A 60 8.73 -41.87 4.76
N ALA A 61 8.10 -41.70 3.63
CA ALA A 61 8.47 -41.64 2.26
C ALA A 61 8.07 -40.35 1.61
N GLU A 62 6.90 -39.73 1.95
CA GLU A 62 6.46 -38.34 1.50
C GLU A 62 7.27 -37.31 2.28
N GLU A 63 7.48 -37.34 3.56
CA GLU A 63 8.33 -36.48 4.42
C GLU A 63 9.87 -36.65 4.19
N GLU A 64 10.35 -37.58 3.35
CA GLU A 64 11.74 -37.88 2.85
C GLU A 64 11.90 -37.50 1.31
N ARG A 65 11.04 -37.90 0.39
CA ARG A 65 11.03 -37.38 -1.02
C ARG A 65 10.75 -35.84 -1.14
N ARG A 66 10.18 -35.40 0.01
CA ARG A 66 9.89 -33.98 0.29
C ARG A 66 10.99 -33.26 1.11
N LYS A 67 12.03 -33.92 1.49
CA LYS A 67 13.33 -33.58 2.07
C LYS A 67 14.49 -33.33 1.15
N SER A 68 14.55 -34.13 0.04
CA SER A 68 15.51 -34.05 -1.03
C SER A 68 15.03 -32.98 -2.06
N LEU A 69 14.89 -31.82 -1.56
CA LEU A 69 14.00 -30.75 -2.08
C LEU A 69 15.00 -29.77 -2.88
N PRO A 70 14.89 -29.71 -4.22
CA PRO A 70 15.51 -28.86 -5.24
C PRO A 70 16.01 -27.51 -4.91
N ARG A 71 16.87 -27.04 -5.83
CA ARG A 71 17.11 -25.55 -6.11
C ARG A 71 15.79 -24.73 -5.87
N ARG A 72 15.90 -23.53 -5.25
CA ARG A 72 14.69 -22.72 -4.87
C ARG A 72 15.08 -21.20 -5.19
N PRO A 73 14.27 -20.25 -5.74
CA PRO A 73 13.88 -18.95 -5.10
C PRO A 73 14.76 -18.22 -4.05
N PRO A 74 14.74 -18.08 -2.67
CA PRO A 74 13.61 -18.25 -1.65
C PRO A 74 13.29 -16.82 -1.08
N VAL A 75 12.23 -16.28 -1.66
CA VAL A 75 12.30 -14.85 -2.16
C VAL A 75 12.56 -13.98 -0.88
N VAL A 76 12.33 -12.68 -1.01
CA VAL A 76 12.48 -11.81 0.24
C VAL A 76 11.88 -10.42 -0.07
N VAL A 77 11.13 -9.69 0.72
CA VAL A 77 10.76 -8.26 0.50
C VAL A 77 11.21 -7.30 1.58
N ILE A 78 11.54 -6.04 1.32
CA ILE A 78 12.06 -5.00 2.23
C ILE A 78 10.97 -3.86 2.36
N MET A 79 10.81 -3.24 3.51
CA MET A 79 9.70 -2.48 4.12
C MET A 79 9.88 -1.15 4.79
N GLY A 80 8.83 -0.31 4.84
CA GLY A 80 8.70 1.06 5.42
C GLY A 80 7.86 1.99 4.47
N HIS A 81 7.66 3.28 4.78
CA HIS A 81 6.98 4.29 3.99
C HIS A 81 7.93 4.97 3.00
N VAL A 82 7.52 6.11 2.35
CA VAL A 82 8.11 6.54 0.99
C VAL A 82 9.28 7.48 1.20
N ASP A 83 10.19 7.71 0.31
CA ASP A 83 11.39 8.58 0.66
C ASP A 83 12.00 8.28 2.09
N HIS A 84 12.53 7.02 2.15
CA HIS A 84 13.08 6.36 3.37
C HIS A 84 14.51 5.77 3.21
N GLY A 85 15.04 6.05 1.97
CA GLY A 85 16.38 5.46 1.71
C GLY A 85 16.25 3.90 1.74
N LYS A 86 15.05 3.42 1.43
CA LYS A 86 14.56 2.03 1.13
C LYS A 86 14.67 1.59 -0.32
N THR A 87 14.36 2.40 -1.35
CA THR A 87 14.83 2.14 -2.73
C THR A 87 16.35 2.00 -2.84
N THR A 88 17.08 2.83 -2.09
CA THR A 88 18.55 2.86 -1.84
C THR A 88 19.19 1.55 -1.43
N LEU A 89 18.48 0.74 -0.55
CA LEU A 89 18.80 -0.69 -0.27
C LEU A 89 18.67 -1.61 -1.45
N LEU A 90 17.54 -1.47 -2.17
CA LEU A 90 17.20 -2.23 -3.35
C LEU A 90 18.15 -1.91 -4.56
N ASP A 91 18.61 -0.62 -4.53
CA ASP A 91 19.48 0.03 -5.56
C ASP A 91 20.82 -0.71 -5.46
N TYR A 92 21.35 -0.63 -4.28
CA TYR A 92 22.55 -1.33 -3.98
C TYR A 92 22.57 -2.87 -4.22
N LEU A 93 21.57 -3.67 -3.88
CA LEU A 93 21.51 -5.15 -4.17
C LEU A 93 21.20 -5.38 -5.71
N ARG A 94 20.43 -4.63 -6.43
CA ARG A 94 20.15 -4.62 -7.90
C ARG A 94 21.50 -4.30 -8.66
N LYS A 95 22.53 -3.65 -8.09
CA LYS A 95 23.85 -3.45 -8.72
C LYS A 95 24.87 -4.46 -8.22
N SER A 96 24.87 -4.98 -6.97
CA SER A 96 25.85 -5.87 -6.46
C SER A 96 25.69 -7.31 -6.99
N ARG A 97 24.52 -7.65 -7.52
CA ARG A 97 24.25 -8.85 -8.41
C ARG A 97 25.10 -8.96 -9.68
N ILE A 98 25.63 -7.92 -10.38
CA ILE A 98 26.47 -7.82 -11.54
C ILE A 98 27.56 -6.76 -11.32
N ALA A 99 28.50 -7.01 -10.36
CA ALA A 99 29.66 -6.23 -10.13
C ALA A 99 30.65 -5.78 -11.30
N GLU A 100 30.43 -6.28 -12.47
CA GLU A 100 31.35 -6.71 -13.52
C GLU A 100 31.67 -5.52 -14.47
N LYS A 101 30.75 -5.25 -15.43
CA LYS A 101 30.86 -4.36 -16.65
C LYS A 101 29.41 -3.98 -17.05
N GLU A 102 29.27 -3.06 -18.02
CA GLU A 102 28.10 -3.04 -18.89
C GLU A 102 28.01 -4.17 -19.85
N ALA A 103 26.94 -5.01 -20.02
CA ALA A 103 25.97 -5.40 -18.94
C ALA A 103 25.59 -6.89 -18.94
N GLY A 104 25.59 -7.69 -19.99
CA GLY A 104 25.17 -7.28 -21.38
C GLY A 104 23.98 -8.15 -21.79
N GLY A 105 23.11 -8.84 -21.07
CA GLY A 105 22.67 -8.64 -19.73
C GLY A 105 21.92 -7.32 -19.38
N ILE A 106 20.69 -7.15 -19.90
CA ILE A 106 20.04 -5.86 -20.01
C ILE A 106 19.27 -5.41 -18.75
N THR A 107 19.48 -6.06 -17.57
CA THR A 107 18.86 -5.72 -16.32
C THR A 107 17.38 -5.23 -16.17
N GLN A 108 16.40 -5.83 -16.82
CA GLN A 108 15.01 -5.47 -16.88
C GLN A 108 14.21 -5.74 -15.54
N HIS A 109 13.26 -4.85 -15.34
CA HIS A 109 12.41 -4.68 -14.07
C HIS A 109 11.18 -5.65 -14.07
N VAL A 110 11.42 -6.89 -13.74
CA VAL A 110 10.57 -8.01 -13.56
C VAL A 110 9.93 -8.26 -12.19
N GLY A 111 9.73 -7.22 -11.35
CA GLY A 111 9.15 -7.32 -9.99
C GLY A 111 10.10 -7.83 -8.97
N ALA A 112 11.32 -8.22 -9.43
CA ALA A 112 12.40 -8.86 -8.79
C ALA A 112 13.79 -8.98 -9.42
N PHE A 113 14.75 -9.53 -8.66
CA PHE A 113 16.01 -9.89 -9.32
C PHE A 113 16.77 -11.02 -8.56
N GLU A 114 17.10 -12.13 -9.32
CA GLU A 114 18.12 -13.12 -9.01
C GLU A 114 19.39 -12.54 -8.56
N VAL A 115 19.94 -13.03 -7.45
CA VAL A 115 21.30 -12.80 -7.01
C VAL A 115 22.12 -14.07 -6.91
N LYS A 116 22.98 -14.45 -7.85
CA LYS A 116 23.44 -15.79 -8.19
C LYS A 116 24.82 -15.88 -7.58
N THR A 117 24.97 -16.71 -6.59
CA THR A 117 26.12 -17.10 -5.81
C THR A 117 26.74 -18.47 -6.18
N PRO A 118 27.74 -19.06 -5.42
CA PRO A 118 28.28 -20.37 -5.48
C PRO A 118 27.42 -21.55 -5.17
N GLN A 119 26.47 -21.67 -4.19
CA GLN A 119 25.60 -22.91 -4.03
C GLN A 119 24.16 -22.75 -4.71
N GLY A 120 23.44 -21.65 -4.67
CA GLY A 120 22.32 -21.53 -5.58
C GLY A 120 22.11 -20.04 -5.94
N THR A 121 20.84 -19.73 -5.63
CA THR A 121 20.03 -18.59 -6.01
C THR A 121 19.31 -17.94 -4.88
N VAL A 122 19.32 -16.65 -4.66
CA VAL A 122 18.35 -15.86 -3.82
C VAL A 122 17.82 -14.72 -4.60
N VAL A 123 16.45 -14.66 -4.58
CA VAL A 123 15.82 -13.58 -5.40
C VAL A 123 15.34 -12.47 -4.45
N PHE A 124 15.73 -11.21 -4.57
CA PHE A 124 15.41 -10.03 -3.84
C PHE A 124 14.32 -9.34 -4.74
N ILE A 125 13.24 -9.04 -4.02
CA ILE A 125 12.11 -8.29 -4.46
C ILE A 125 12.44 -6.81 -4.87
N ASP A 126 12.03 -6.26 -5.98
CA ASP A 126 12.29 -5.05 -6.69
C ASP A 126 10.96 -4.57 -7.31
N THR A 127 10.35 -3.75 -6.50
CA THR A 127 8.95 -3.31 -6.65
C THR A 127 8.71 -2.15 -5.57
N PRO A 128 7.66 -1.39 -5.51
CA PRO A 128 7.29 -0.66 -4.33
C PRO A 128 6.83 -1.76 -3.32
N GLY A 129 7.75 -2.12 -2.36
CA GLY A 129 9.03 -1.55 -2.03
C GLY A 129 9.17 -0.81 -0.69
N HIS A 130 8.31 0.15 -0.65
CA HIS A 130 7.84 0.61 0.66
C HIS A 130 7.08 -0.46 1.41
N GLU A 131 6.67 -1.56 0.66
CA GLU A 131 5.27 -1.96 0.45
C GLU A 131 4.17 -0.89 0.52
N ALA A 132 4.31 0.32 1.02
CA ALA A 132 3.59 1.38 1.62
C ALA A 132 2.44 0.88 2.52
N PHE A 133 2.50 -0.47 2.63
CA PHE A 133 1.39 -1.17 3.20
C PHE A 133 0.14 -1.11 2.28
N THR A 134 0.36 -1.44 1.05
CA THR A 134 -0.33 -1.47 -0.22
C THR A 134 -1.58 -2.33 -0.06
N THR A 135 -1.47 -3.53 0.56
CA THR A 135 -2.21 -4.27 1.52
C THR A 135 -1.40 -4.31 2.90
N ILE A 136 -2.06 -4.09 3.99
CA ILE A 136 -1.35 -4.28 5.25
C ILE A 136 -0.80 -5.69 5.34
N ARG A 137 -1.49 -6.68 4.78
CA ARG A 137 -1.30 -8.11 4.84
C ARG A 137 -2.19 -8.79 3.80
N GLN A 138 -1.83 -9.92 3.18
CA GLN A 138 -2.80 -10.50 2.23
C GLN A 138 -3.84 -11.55 2.83
N ARG A 139 -3.58 -12.14 4.02
CA ARG A 139 -2.97 -11.88 5.30
C ARG A 139 -1.84 -12.95 5.77
N GLY A 140 -0.95 -13.59 4.95
CA GLY A 140 -0.88 -13.37 3.50
C GLY A 140 -0.06 -14.46 2.74
N ALA A 141 -0.10 -14.22 1.37
CA ALA A 141 0.38 -14.96 0.20
C ALA A 141 1.75 -15.72 0.36
N LYS A 142 2.63 -15.17 1.22
CA LYS A 142 4.01 -15.56 1.50
C LYS A 142 5.04 -15.53 0.36
N VAL A 143 5.20 -14.39 -0.39
CA VAL A 143 5.57 -14.31 -1.87
C VAL A 143 7.09 -14.79 -1.87
N ALA A 144 7.84 -14.66 -0.82
CA ALA A 144 9.31 -14.67 -0.56
C ALA A 144 9.44 -15.46 0.73
N ASP A 145 10.34 -16.39 0.95
CA ASP A 145 10.48 -17.14 2.23
C ASP A 145 11.53 -16.61 3.20
N ILE A 146 12.66 -15.97 2.96
CA ILE A 146 13.47 -14.92 3.55
C ILE A 146 13.02 -13.45 3.31
N ALA A 147 13.14 -12.59 4.32
CA ALA A 147 13.03 -11.19 4.37
C ALA A 147 14.24 -10.48 5.00
N VAL A 148 15.12 -9.91 4.15
CA VAL A 148 16.21 -8.95 4.46
C VAL A 148 15.73 -7.64 4.95
N ILE A 149 15.87 -7.32 6.26
CA ILE A 149 15.50 -6.11 6.91
C ILE A 149 16.63 -4.99 6.88
N VAL A 150 16.39 -3.82 6.25
CA VAL A 150 17.28 -2.68 6.38
C VAL A 150 16.89 -1.79 7.52
N ILE A 151 17.87 -1.46 8.36
CA ILE A 151 17.79 -0.36 9.29
C ILE A 151 18.82 0.64 8.79
N ALA A 152 18.40 1.91 8.64
CA ALA A 152 19.19 2.96 8.05
C ALA A 152 19.94 3.72 9.13
N ALA A 153 21.26 3.90 9.01
CA ALA A 153 22.01 4.64 10.01
C ALA A 153 21.61 6.10 10.17
N ASP A 154 21.30 6.83 9.07
CA ASP A 154 20.67 8.15 9.14
C ASP A 154 19.32 8.33 9.93
N ASP A 155 18.40 7.35 10.00
CA ASP A 155 16.98 7.42 10.40
C ASP A 155 16.68 6.42 11.51
N GLY A 156 17.10 5.20 11.45
CA GLY A 156 16.82 4.11 12.44
C GLY A 156 15.46 3.50 12.10
N ILE A 157 14.95 2.68 13.08
CA ILE A 157 13.71 1.92 13.00
C ILE A 157 12.40 2.68 12.86
N MET A 158 12.26 3.42 11.75
CA MET A 158 11.00 4.22 11.63
C MET A 158 9.82 3.18 11.71
N PRO A 159 8.57 3.51 12.24
CA PRO A 159 7.50 2.60 12.52
C PRO A 159 7.11 1.54 11.44
N GLN A 160 7.17 1.94 10.15
CA GLN A 160 6.96 1.11 8.97
C GLN A 160 7.86 -0.15 8.86
N THR A 161 9.13 -0.05 9.38
CA THR A 161 10.09 -1.16 9.62
C THR A 161 9.69 -2.06 10.85
N GLU A 162 8.95 -1.54 11.88
CA GLU A 162 8.46 -2.50 12.86
C GLU A 162 7.18 -3.23 12.43
N GLU A 163 6.35 -2.70 11.52
CA GLU A 163 5.24 -3.30 10.86
C GLU A 163 5.76 -4.33 9.84
N ALA A 164 6.82 -3.94 9.14
CA ALA A 164 7.52 -4.74 8.16
C ALA A 164 8.06 -6.01 8.85
N ILE A 165 8.87 -5.88 9.89
CA ILE A 165 9.22 -7.05 10.67
C ILE A 165 8.07 -7.94 10.99
N ALA A 166 6.93 -7.40 11.48
CA ALA A 166 5.62 -8.09 11.69
C ALA A 166 4.98 -8.72 10.45
N HIS A 167 5.31 -8.38 9.21
CA HIS A 167 4.93 -9.10 7.94
C HIS A 167 5.93 -10.30 7.75
N ALA A 168 7.25 -10.14 7.84
CA ALA A 168 8.20 -11.26 7.93
C ALA A 168 7.81 -12.28 8.94
N LYS A 169 7.77 -12.05 10.30
CA LYS A 169 7.11 -12.87 11.38
C LYS A 169 5.90 -13.67 11.02
N ALA A 170 4.77 -12.92 10.82
CA ALA A 170 3.39 -13.59 10.76
C ALA A 170 3.27 -14.35 9.40
N ALA A 171 4.40 -14.29 8.64
CA ALA A 171 4.45 -14.87 7.30
C ALA A 171 5.37 -16.10 7.39
N GLY A 172 5.70 -16.50 8.63
CA GLY A 172 6.42 -17.70 9.04
C GLY A 172 7.89 -17.85 8.54
N ALA A 173 8.72 -17.18 9.26
CA ALA A 173 10.13 -16.75 9.02
C ALA A 173 10.95 -16.48 10.32
N LYS A 174 12.18 -16.91 10.23
CA LYS A 174 13.43 -16.39 10.72
C LYS A 174 14.02 -15.36 9.75
N LEU A 175 14.51 -14.30 10.40
CA LEU A 175 14.68 -13.00 9.81
C LEU A 175 16.19 -12.55 9.81
N ILE A 176 16.61 -11.96 8.66
CA ILE A 176 17.86 -11.34 8.36
C ILE A 176 17.87 -9.82 8.56
N PHE A 177 18.78 -9.17 9.30
CA PHE A 177 18.82 -7.73 9.49
C PHE A 177 20.21 -7.20 8.95
N ALA A 178 20.04 -6.46 7.89
CA ALA A 178 20.90 -5.50 7.27
C ALA A 178 21.01 -4.12 7.85
N ILE A 179 22.26 -3.68 8.16
CA ILE A 179 22.65 -2.35 8.73
C ILE A 179 23.38 -1.57 7.68
N ASN A 180 22.74 -0.75 6.87
CA ASN A 180 23.25 0.07 5.83
C ASN A 180 23.97 1.29 6.38
N LYS A 181 24.72 1.93 5.47
CA LYS A 181 25.44 3.19 5.67
C LYS A 181 26.60 3.31 6.73
N ILE A 182 27.26 2.14 6.91
CA ILE A 182 28.36 1.98 7.87
C ILE A 182 29.62 2.88 7.57
N ASP A 183 29.82 3.26 6.36
CA ASP A 183 30.69 4.26 5.74
C ASP A 183 30.45 5.73 6.04
N LEU A 184 29.27 6.24 6.51
CA LEU A 184 28.87 7.59 6.80
C LEU A 184 29.27 7.96 8.27
N PRO A 185 29.60 9.21 8.53
CA PRO A 185 30.13 9.69 9.77
C PRO A 185 29.31 9.44 11.05
N GLN A 186 28.05 9.69 10.92
CA GLN A 186 26.95 9.63 11.97
C GLN A 186 26.40 8.17 12.04
N ALA A 187 27.12 7.08 11.59
CA ALA A 187 26.73 5.71 11.65
C ALA A 187 27.07 4.87 12.83
N ASP A 188 26.13 4.41 13.57
CA ASP A 188 26.17 3.74 14.90
C ASP A 188 25.43 2.36 14.87
N PRO A 189 26.15 1.32 14.30
CA PRO A 189 25.55 0.04 14.39
C PRO A 189 25.24 -0.55 15.72
N GLU A 190 25.83 0.02 16.80
CA GLU A 190 25.47 -0.52 18.13
C GLU A 190 24.15 -0.01 18.68
N LYS A 191 23.77 1.27 18.32
CA LYS A 191 22.35 1.82 18.51
C LYS A 191 21.43 0.89 17.85
N VAL A 192 21.54 0.57 16.58
CA VAL A 192 20.71 -0.50 15.93
C VAL A 192 20.72 -1.78 16.70
N LYS A 193 21.77 -2.43 17.11
CA LYS A 193 21.75 -3.59 18.03
C LYS A 193 20.92 -3.44 19.30
N ARG A 194 21.01 -2.32 20.03
CA ARG A 194 20.26 -2.10 21.23
C ARG A 194 18.81 -1.79 20.96
N GLN A 195 18.50 -1.25 19.72
CA GLN A 195 17.17 -1.13 19.11
C GLN A 195 16.54 -2.46 18.79
N LEU A 196 17.26 -3.40 18.23
CA LEU A 196 16.90 -4.79 17.95
C LEU A 196 16.69 -5.51 19.30
N MET A 197 17.68 -5.46 20.24
CA MET A 197 17.55 -6.11 21.55
C MET A 197 16.41 -5.65 22.46
N GLU A 198 15.99 -4.38 22.59
CA GLU A 198 14.77 -3.94 23.35
C GLU A 198 13.45 -4.42 22.59
N ARG A 199 13.45 -4.97 21.40
CA ARG A 199 12.39 -5.56 20.66
C ARG A 199 12.47 -7.11 20.69
N GLY A 200 13.37 -7.85 21.39
CA GLY A 200 13.48 -9.32 21.35
C GLY A 200 14.46 -9.86 20.21
N PHE A 201 14.93 -9.02 19.23
CA PHE A 201 15.80 -9.50 18.16
C PHE A 201 17.25 -9.65 18.52
N VAL A 202 17.52 -10.42 19.61
CA VAL A 202 18.89 -10.59 20.16
C VAL A 202 20.00 -11.16 19.14
N PRO A 203 21.09 -10.47 18.80
CA PRO A 203 22.17 -10.98 17.92
C PRO A 203 22.95 -12.15 18.46
N GLU A 204 23.72 -12.83 17.53
CA GLU A 204 24.60 -13.94 17.91
C GLU A 204 25.88 -13.69 18.73
N GLU A 205 26.34 -12.48 18.87
CA GLU A 205 27.38 -12.00 19.74
C GLU A 205 26.90 -11.69 21.22
N TYR A 206 25.60 -11.61 21.41
CA TYR A 206 24.82 -11.54 22.66
C TYR A 206 24.02 -12.80 22.92
N GLY A 207 24.36 -13.98 22.39
CA GLY A 207 23.95 -15.32 22.58
C GLY A 207 22.45 -15.58 22.17
N GLY A 208 21.87 -14.66 21.36
CA GLY A 208 20.50 -14.83 20.89
C GLY A 208 20.23 -15.75 19.72
N ASP A 209 19.33 -15.27 18.82
CA ASP A 209 18.93 -16.10 17.62
C ASP A 209 18.56 -15.33 16.36
N ALA A 210 18.73 -13.99 16.27
CA ALA A 210 18.52 -13.08 15.22
C ALA A 210 19.75 -12.52 14.53
N ILE A 211 20.19 -13.01 13.41
CA ILE A 211 21.48 -12.73 12.66
C ILE A 211 21.65 -11.24 12.30
N VAL A 212 22.80 -10.61 12.56
CA VAL A 212 23.26 -9.26 12.17
C VAL A 212 24.53 -9.20 11.30
N ILE A 213 24.66 -8.20 10.41
CA ILE A 213 25.59 -7.97 9.35
C ILE A 213 25.69 -6.49 9.04
N PRO A 214 26.80 -5.83 9.35
CA PRO A 214 27.17 -4.49 8.86
C PRO A 214 27.55 -4.40 7.39
N ILE A 215 26.85 -3.63 6.53
CA ILE A 215 27.03 -3.67 5.11
C ILE A 215 27.04 -2.19 4.56
N SER A 216 27.50 -1.92 3.37
CA SER A 216 27.40 -0.53 2.74
C SER A 216 26.75 -0.81 1.44
N ALA A 217 25.48 -0.29 1.29
CA ALA A 217 24.73 -0.23 0.05
C ALA A 217 25.21 0.80 -1.03
N LYS A 218 26.45 1.10 -1.17
CA LYS A 218 27.13 1.94 -2.14
C LYS A 218 28.56 1.54 -2.47
N THR A 219 29.28 1.03 -1.43
CA THR A 219 30.53 0.27 -1.69
C THR A 219 30.26 -0.97 -2.44
N GLY A 220 29.74 -1.96 -1.71
CA GLY A 220 30.18 -3.38 -2.07
C GLY A 220 30.74 -4.18 -0.86
N GLN A 221 30.72 -3.43 0.29
CA GLN A 221 31.24 -4.04 1.52
C GLN A 221 30.12 -4.68 2.32
N GLY A 222 30.36 -5.87 2.79
CA GLY A 222 29.49 -6.74 3.67
C GLY A 222 28.39 -7.42 2.82
N VAL A 223 28.20 -7.04 1.60
CA VAL A 223 27.27 -7.80 0.75
C VAL A 223 27.68 -9.22 0.37
N GLN A 224 28.92 -9.54 0.26
CA GLN A 224 29.50 -10.87 0.39
C GLN A 224 29.23 -11.66 1.66
N ASP A 225 29.28 -11.05 2.78
CA ASP A 225 29.25 -11.69 4.09
C ASP A 225 27.71 -12.04 4.31
N LEU A 226 26.92 -11.09 3.92
CA LEU A 226 25.45 -11.13 3.73
C LEU A 226 24.86 -12.21 2.80
N LEU A 227 25.40 -12.41 1.63
CA LEU A 227 25.18 -13.62 0.76
C LEU A 227 25.58 -14.98 1.38
N GLU A 228 26.88 -15.25 1.79
CA GLU A 228 27.13 -16.54 2.40
C GLU A 228 26.24 -16.89 3.56
N MET A 229 26.11 -15.95 4.50
CA MET A 229 25.17 -15.94 5.59
C MET A 229 23.76 -16.29 5.25
N ILE A 230 23.04 -15.76 4.28
CA ILE A 230 21.72 -16.08 3.75
C ILE A 230 21.65 -17.56 3.27
N LEU A 231 22.70 -18.15 2.69
CA LEU A 231 22.89 -19.58 2.52
C LEU A 231 22.99 -20.51 3.71
N LEU A 232 23.63 -20.15 4.81
CA LEU A 232 23.69 -20.63 6.19
C LEU A 232 22.27 -20.62 6.75
N LEU A 233 21.57 -19.47 6.89
CA LEU A 233 20.27 -19.32 7.49
C LEU A 233 19.06 -20.07 6.75
N ALA A 234 19.25 -20.28 5.49
CA ALA A 234 18.52 -21.17 4.64
C ALA A 234 18.59 -22.71 4.84
N GLU A 235 19.87 -23.10 5.15
CA GLU A 235 20.26 -24.31 5.81
C GLU A 235 19.79 -24.68 7.18
N LEU A 236 20.02 -23.81 8.18
CA LEU A 236 19.48 -23.72 9.58
C LEU A 236 17.91 -23.72 9.66
N GLU A 237 17.21 -22.90 8.93
CA GLU A 237 15.75 -22.90 9.13
C GLU A 237 15.01 -23.87 8.11
N ASP A 238 15.79 -24.17 7.13
CA ASP A 238 15.41 -25.36 6.29
C ASP A 238 14.06 -25.00 5.60
N TYR A 239 14.14 -23.87 4.86
CA TYR A 239 13.12 -23.37 3.97
C TYR A 239 13.56 -23.67 2.53
N ARG A 240 12.95 -24.68 1.91
CA ARG A 240 13.04 -24.95 0.49
C ARG A 240 11.62 -25.30 0.09
N ALA A 241 11.30 -25.26 -1.22
CA ALA A 241 9.96 -25.49 -1.72
C ALA A 241 10.10 -26.53 -2.82
N ASP A 242 9.00 -27.14 -3.28
CA ASP A 242 9.12 -28.25 -4.33
C ASP A 242 9.02 -27.59 -5.78
N PRO A 243 9.53 -28.37 -6.77
CA PRO A 243 9.35 -27.95 -8.14
C PRO A 243 8.67 -29.01 -9.00
N ASN A 244 7.71 -29.86 -8.64
CA ASN A 244 6.90 -30.89 -9.24
C ASN A 244 5.42 -30.90 -8.93
N ALA A 245 4.99 -30.72 -7.66
CA ALA A 245 3.82 -30.14 -7.09
C ALA A 245 2.93 -29.10 -7.69
N GLU A 246 1.59 -29.12 -7.58
CA GLU A 246 0.63 -28.19 -8.24
C GLU A 246 1.05 -26.69 -8.11
N PRO A 247 1.44 -26.05 -9.25
CA PRO A 247 2.07 -24.72 -9.28
C PRO A 247 1.55 -23.52 -8.55
N ARG A 248 2.48 -22.69 -8.14
CA ARG A 248 2.09 -21.47 -7.42
C ARG A 248 3.03 -20.28 -7.54
N GLY A 249 2.49 -19.10 -8.01
CA GLY A 249 3.25 -17.87 -7.79
C GLY A 249 2.51 -16.60 -7.42
N VAL A 250 2.86 -15.39 -7.86
CA VAL A 250 2.27 -14.03 -7.54
C VAL A 250 2.31 -13.01 -8.68
N ILE A 251 1.32 -12.21 -9.04
CA ILE A 251 1.42 -11.02 -9.92
C ILE A 251 2.10 -9.79 -9.24
N LEU A 252 3.02 -9.29 -10.06
CA LEU A 252 3.83 -8.21 -9.66
C LEU A 252 3.28 -6.88 -10.18
N GLU A 253 2.68 -6.86 -11.41
CA GLU A 253 1.92 -5.69 -11.95
C GLU A 253 1.50 -6.13 -13.39
N SER A 254 0.59 -5.35 -13.98
CA SER A 254 -0.07 -5.76 -15.26
C SER A 254 -0.41 -4.53 -16.19
N LYS A 255 -0.15 -4.61 -17.51
CA LYS A 255 -0.31 -3.56 -18.53
C LYS A 255 -0.13 -4.01 -20.01
N LEU A 256 0.00 -3.01 -20.90
CA LEU A 256 0.00 -3.16 -22.42
C LEU A 256 1.33 -2.87 -23.12
N ASP A 257 1.46 -3.55 -24.28
CA ASP A 257 2.33 -3.51 -25.43
C ASP A 257 1.56 -3.59 -26.73
N LYS A 258 1.81 -2.53 -27.59
CA LYS A 258 1.30 -2.60 -28.99
C LYS A 258 1.34 -4.06 -29.58
N GLN A 259 2.54 -4.64 -29.68
CA GLN A 259 2.96 -5.87 -30.42
C GLN A 259 2.27 -7.06 -29.75
N ALA A 260 2.23 -7.08 -28.44
CA ALA A 260 1.96 -8.25 -27.50
C ALA A 260 0.45 -8.34 -27.14
N GLY A 261 -0.08 -7.13 -26.88
CA GLY A 261 -1.39 -6.92 -26.36
C GLY A 261 -1.38 -6.87 -24.80
N ILE A 262 -2.26 -7.72 -24.13
CA ILE A 262 -2.55 -7.75 -22.68
C ILE A 262 -1.38 -8.48 -22.01
N ILE A 263 -0.89 -7.82 -21.01
CA ILE A 263 0.32 -8.16 -20.29
C ILE A 263 0.18 -8.17 -18.80
N ALA A 264 0.81 -9.01 -18.07
CA ALA A 264 1.11 -8.94 -16.65
C ALA A 264 2.36 -9.68 -16.10
N ASN A 265 3.08 -9.14 -15.19
CA ASN A 265 4.39 -9.64 -14.71
C ASN A 265 4.07 -10.56 -13.48
N MET A 266 4.56 -11.79 -13.57
CA MET A 266 4.34 -13.00 -12.70
C MET A 266 5.67 -13.50 -12.18
N LEU A 267 5.64 -13.68 -10.89
CA LEU A 267 6.71 -14.48 -10.16
C LEU A 267 6.14 -15.86 -10.17
N VAL A 268 6.93 -16.88 -10.67
CA VAL A 268 6.54 -18.34 -10.48
C VAL A 268 7.26 -18.66 -9.20
N GLN A 269 6.53 -19.27 -8.25
CA GLN A 269 7.03 -19.50 -6.87
C GLN A 269 7.43 -20.95 -6.73
N GLU A 270 6.72 -21.83 -7.41
CA GLU A 270 6.56 -23.29 -7.35
C GLU A 270 6.07 -23.87 -8.74
N GLY A 271 6.84 -24.72 -9.33
CA GLY A 271 6.49 -25.69 -10.39
C GLY A 271 7.08 -25.10 -11.74
N THR A 272 6.33 -25.21 -12.79
CA THR A 272 6.76 -24.53 -14.07
C THR A 272 5.56 -24.15 -14.96
N PHE A 273 5.51 -22.93 -15.41
CA PHE A 273 4.67 -22.35 -16.46
C PHE A 273 5.38 -22.50 -17.84
N ARG A 274 4.68 -22.82 -18.90
CA ARG A 274 5.06 -22.91 -20.28
C ARG A 274 4.12 -22.36 -21.29
N VAL A 275 4.61 -22.11 -22.51
CA VAL A 275 3.82 -21.39 -23.56
C VAL A 275 2.77 -22.32 -24.25
N GLY A 276 1.43 -22.04 -24.02
CA GLY A 276 0.38 -22.96 -24.42
C GLY A 276 -0.42 -23.55 -23.29
N ASP A 277 0.02 -23.25 -22.01
CA ASP A 277 -0.77 -23.61 -20.87
C ASP A 277 -1.88 -22.58 -20.69
N TYR A 278 -2.95 -23.11 -20.00
CA TYR A 278 -4.09 -22.31 -19.63
C TYR A 278 -3.84 -21.97 -18.11
N VAL A 279 -4.18 -20.77 -17.67
CA VAL A 279 -4.04 -20.22 -16.32
C VAL A 279 -5.21 -19.39 -15.91
N VAL A 280 -5.33 -19.24 -14.65
CA VAL A 280 -6.19 -18.47 -13.77
C VAL A 280 -5.44 -17.49 -12.86
N ALA A 281 -5.93 -16.21 -12.75
CA ALA A 281 -5.31 -15.30 -11.72
C ALA A 281 -6.56 -14.46 -11.27
N GLY A 282 -6.74 -14.55 -9.98
CA GLY A 282 -7.91 -13.86 -9.39
C GLY A 282 -9.18 -14.44 -10.11
N GLU A 283 -10.20 -13.63 -10.36
CA GLU A 283 -11.24 -13.86 -11.37
C GLU A 283 -10.83 -13.83 -12.82
N ALA A 284 -9.64 -13.65 -13.26
CA ALA A 284 -9.12 -13.54 -14.64
C ALA A 284 -8.60 -14.88 -15.15
N TYR A 285 -8.79 -15.35 -16.41
CA TYR A 285 -8.15 -16.63 -16.88
C TYR A 285 -7.62 -16.29 -18.33
N GLY A 286 -7.00 -17.28 -18.94
CA GLY A 286 -6.42 -17.11 -20.24
C GLY A 286 -5.36 -18.12 -20.64
N ARG A 287 -4.84 -18.05 -21.88
CA ARG A 287 -3.88 -19.05 -22.35
C ARG A 287 -2.52 -18.31 -22.52
N ILE A 288 -1.44 -18.87 -22.16
CA ILE A 288 -0.08 -18.30 -22.31
C ILE A 288 0.23 -18.33 -23.79
N ARG A 289 0.10 -17.33 -24.58
CA ARG A 289 0.28 -17.12 -25.98
C ARG A 289 1.78 -16.68 -26.16
N ALA A 290 2.24 -15.79 -25.31
CA ALA A 290 3.70 -15.53 -25.24
C ALA A 290 4.20 -15.32 -23.81
N MET A 291 5.51 -15.35 -23.52
CA MET A 291 6.17 -15.01 -22.24
C MET A 291 7.40 -14.20 -22.67
N MET A 292 7.72 -13.17 -21.87
CA MET A 292 8.84 -12.19 -22.02
C MET A 292 9.49 -12.03 -20.62
N ASP A 293 10.79 -12.00 -20.58
CA ASP A 293 11.48 -11.76 -19.24
C ASP A 293 12.12 -10.36 -19.01
N ALA A 294 12.99 -10.29 -17.95
CA ALA A 294 13.83 -9.21 -17.50
C ALA A 294 14.96 -8.79 -18.53
N ASP A 295 15.25 -9.83 -19.31
CA ASP A 295 16.46 -9.71 -20.17
C ASP A 295 15.81 -9.42 -21.58
N GLY A 296 14.50 -9.14 -21.72
CA GLY A 296 13.86 -8.80 -22.96
C GLY A 296 13.60 -9.94 -23.98
N ASN A 297 13.78 -11.22 -23.50
CA ASN A 297 13.72 -12.38 -24.34
C ASN A 297 12.36 -12.96 -24.43
N GLN A 298 11.98 -13.69 -25.49
CA GLN A 298 10.74 -14.50 -25.59
C GLN A 298 11.07 -15.86 -24.95
N ARG A 299 10.31 -16.30 -23.90
CA ARG A 299 10.59 -17.55 -23.06
C ARG A 299 9.63 -18.63 -23.44
N LYS A 300 10.22 -19.68 -24.02
CA LYS A 300 9.62 -21.03 -24.11
C LYS A 300 9.32 -21.62 -22.77
N GLU A 301 9.93 -21.47 -21.63
CA GLU A 301 9.72 -21.85 -20.26
C GLU A 301 10.05 -20.77 -19.19
N ALA A 302 9.35 -20.78 -18.10
CA ALA A 302 9.63 -19.96 -16.91
C ALA A 302 9.75 -20.88 -15.67
N GLY A 303 10.89 -21.26 -15.11
CA GLY A 303 11.10 -22.10 -13.91
C GLY A 303 10.89 -21.34 -12.54
N PRO A 304 10.91 -21.92 -11.34
CA PRO A 304 10.73 -21.23 -10.06
C PRO A 304 11.72 -20.05 -9.83
N GLY A 305 11.02 -19.01 -9.44
CA GLY A 305 11.34 -17.65 -9.11
C GLY A 305 11.59 -16.78 -10.41
N SER A 306 11.27 -17.32 -11.58
CA SER A 306 11.07 -16.52 -12.76
C SER A 306 9.98 -15.47 -12.78
N ALA A 307 10.47 -14.22 -13.04
CA ALA A 307 9.54 -13.14 -13.30
C ALA A 307 9.39 -13.04 -14.86
N VAL A 308 8.15 -12.97 -15.33
CA VAL A 308 7.78 -12.74 -16.70
C VAL A 308 6.60 -11.94 -17.06
N GLN A 309 6.50 -11.26 -18.20
CA GLN A 309 5.28 -10.83 -18.94
C GLN A 309 4.48 -11.98 -19.52
N VAL A 310 3.18 -12.13 -19.25
CA VAL A 310 2.28 -13.23 -19.71
C VAL A 310 1.14 -12.60 -20.53
N LEU A 311 0.99 -13.01 -21.85
CA LEU A 311 -0.08 -13.12 -22.78
C LEU A 311 -1.06 -14.34 -22.47
N GLY A 312 -2.27 -14.03 -22.15
CA GLY A 312 -3.29 -15.16 -22.03
C GLY A 312 -4.64 -14.85 -21.38
N PHE A 313 -4.74 -14.05 -20.25
CA PHE A 313 -5.91 -13.67 -19.49
C PHE A 313 -6.81 -12.66 -20.30
N GLN A 314 -8.11 -12.88 -20.04
CA GLN A 314 -9.29 -12.17 -20.42
C GLN A 314 -9.49 -10.89 -19.65
N GLU A 315 -9.24 -10.84 -18.29
CA GLU A 315 -9.28 -9.56 -17.66
C GLU A 315 -7.95 -9.11 -16.98
N LEU A 316 -7.89 -7.84 -16.53
CA LEU A 316 -6.52 -7.42 -16.03
C LEU A 316 -6.41 -7.75 -14.49
N PRO A 317 -5.93 -8.88 -14.02
CA PRO A 317 -5.89 -9.30 -12.56
C PRO A 317 -4.90 -8.34 -11.80
N HIS A 318 -5.28 -8.04 -10.56
CA HIS A 318 -4.78 -6.96 -9.74
C HIS A 318 -3.38 -7.09 -9.22
N ALA A 319 -2.69 -6.03 -8.82
CA ALA A 319 -1.35 -6.20 -8.26
C ALA A 319 -1.39 -6.98 -6.94
N GLY A 320 -0.38 -7.84 -6.64
CA GLY A 320 -0.35 -8.83 -5.49
C GLY A 320 -1.58 -9.74 -5.34
N ASP A 321 -2.54 -9.96 -6.32
CA ASP A 321 -3.39 -11.20 -6.45
C ASP A 321 -2.65 -12.47 -6.90
N VAL A 322 -2.90 -13.56 -6.17
CA VAL A 322 -2.27 -14.85 -6.51
C VAL A 322 -2.70 -15.40 -7.89
N VAL A 323 -1.71 -15.98 -8.62
CA VAL A 323 -1.92 -16.79 -9.85
C VAL A 323 -1.75 -18.25 -9.53
N GLU A 324 -2.58 -19.12 -10.10
CA GLU A 324 -2.68 -20.48 -9.73
C GLU A 324 -3.03 -21.31 -10.97
N TRP A 325 -2.49 -22.43 -11.22
CA TRP A 325 -2.81 -23.46 -12.15
C TRP A 325 -4.10 -24.14 -11.90
N VAL A 326 -4.86 -24.75 -12.81
CA VAL A 326 -6.14 -25.36 -12.86
C VAL A 326 -6.13 -26.50 -13.87
N PRO A 327 -6.83 -27.69 -13.63
CA PRO A 327 -6.81 -28.79 -14.60
C PRO A 327 -7.44 -28.48 -16.01
N ASP A 328 -8.30 -27.46 -16.26
CA ASP A 328 -9.20 -27.29 -17.33
C ASP A 328 -9.96 -25.95 -17.28
N LEU A 329 -10.59 -25.53 -18.39
CA LEU A 329 -11.38 -24.31 -18.50
C LEU A 329 -12.57 -24.33 -17.58
N GLU A 330 -13.12 -25.48 -17.23
CA GLU A 330 -14.22 -25.74 -16.35
C GLU A 330 -13.86 -25.31 -14.93
N ALA A 331 -12.70 -25.83 -14.39
CA ALA A 331 -12.14 -25.25 -13.17
C ALA A 331 -11.79 -23.76 -13.20
N ALA A 332 -11.33 -23.21 -14.35
CA ALA A 332 -10.99 -21.80 -14.58
C ALA A 332 -12.12 -20.77 -14.52
N LYS A 333 -13.28 -21.25 -15.05
CA LYS A 333 -14.59 -20.63 -14.85
C LYS A 333 -15.26 -20.75 -13.49
N GLU A 334 -15.42 -21.99 -13.04
CA GLU A 334 -16.15 -22.27 -11.74
C GLU A 334 -15.45 -21.72 -10.51
N ILE A 335 -14.10 -21.80 -10.23
CA ILE A 335 -13.26 -21.09 -9.27
C ILE A 335 -13.39 -19.56 -9.35
N ALA A 336 -13.40 -18.99 -10.55
CA ALA A 336 -13.61 -17.58 -10.79
C ALA A 336 -15.01 -17.16 -10.35
N GLU A 337 -16.04 -18.00 -10.69
CA GLU A 337 -17.46 -17.76 -10.38
C GLU A 337 -17.76 -17.89 -8.91
N GLU A 338 -17.26 -18.89 -8.15
CA GLU A 338 -17.49 -18.83 -6.64
C GLU A 338 -16.79 -17.60 -5.99
N ARG A 339 -15.60 -17.22 -6.32
CA ARG A 339 -15.03 -16.00 -5.75
C ARG A 339 -15.83 -14.78 -6.12
N LYS A 340 -16.48 -14.72 -7.28
CA LYS A 340 -17.38 -13.72 -7.75
C LYS A 340 -18.76 -13.74 -7.07
N GLU A 341 -19.27 -14.92 -6.77
CA GLU A 341 -20.45 -15.09 -5.92
C GLU A 341 -20.41 -14.72 -4.48
N GLU A 342 -19.29 -15.07 -3.81
CA GLU A 342 -18.75 -14.62 -2.54
C GLU A 342 -18.56 -13.07 -2.45
N ARG A 343 -17.66 -12.56 -3.41
CA ARG A 343 -17.41 -11.06 -3.34
C ARG A 343 -18.56 -10.22 -3.74
N LYS A 344 -19.50 -10.61 -4.67
CA LYS A 344 -20.73 -9.87 -4.92
C LYS A 344 -21.76 -10.00 -3.72
N ALA A 345 -21.95 -11.19 -3.21
CA ALA A 345 -22.91 -11.39 -2.08
C ALA A 345 -22.44 -10.48 -0.93
N ARG A 346 -21.22 -10.67 -0.51
CA ARG A 346 -20.66 -9.97 0.62
C ARG A 346 -20.62 -8.44 0.38
N GLU A 347 -20.18 -7.90 -0.80
CA GLU A 347 -20.33 -6.51 -1.23
C GLU A 347 -21.81 -6.03 -1.14
N GLU A 348 -22.83 -6.93 -1.20
CA GLU A 348 -24.27 -6.64 -0.83
C GLU A 348 -24.63 -6.70 0.63
N GLU A 349 -24.43 -7.82 1.43
CA GLU A 349 -24.06 -7.44 2.86
C GLU A 349 -23.56 -6.08 3.13
N GLU A 350 -22.28 -5.77 2.76
CA GLU A 350 -21.68 -4.52 3.02
C GLU A 350 -22.45 -3.17 2.75
N LYS A 351 -23.55 -3.19 1.96
CA LYS A 351 -24.34 -1.95 1.66
C LYS A 351 -25.08 -1.49 2.95
N ALA A 352 -25.39 -2.34 3.89
CA ALA A 352 -26.27 -1.91 5.05
C ALA A 352 -25.47 -2.35 6.26
N ARG A 353 -25.33 -1.35 7.18
CA ARG A 353 -25.89 -0.02 7.48
C ARG A 353 -25.01 1.12 6.90
N ALA A 354 -24.25 0.76 5.85
CA ALA A 354 -23.07 1.51 5.37
C ALA A 354 -23.32 2.95 4.89
N PRO A 355 -24.50 3.47 4.45
CA PRO A 355 -24.53 4.94 4.25
C PRO A 355 -24.30 5.66 5.58
N ALA A 356 -24.67 4.95 6.64
CA ALA A 356 -24.30 5.37 8.00
C ALA A 356 -22.99 4.65 8.46
N THR A 357 -22.83 3.99 9.62
CA THR A 357 -21.71 3.25 10.16
C THR A 357 -20.56 4.26 10.52
N MET A 358 -19.51 4.44 9.80
CA MET A 358 -18.62 5.54 9.54
C MET A 358 -19.32 6.82 9.95
N ALA A 359 -20.60 6.89 9.63
CA ALA A 359 -21.42 8.07 9.52
C ALA A 359 -20.67 9.48 9.58
N ALA A 360 -20.08 9.77 8.36
CA ALA A 360 -20.04 11.07 7.78
C ALA A 360 -21.36 11.23 7.05
N LEU A 361 -21.44 10.63 5.88
CA LEU A 361 -22.52 10.04 5.06
C LEU A 361 -22.09 8.81 4.29
N LEU A 362 -22.36 8.53 3.04
CA LEU A 362 -21.57 7.76 2.04
C LEU A 362 -20.60 8.77 1.47
N ALA A 363 -19.33 8.80 1.91
CA ALA A 363 -18.31 9.80 2.28
C ALA A 363 -18.71 11.32 2.24
N ALA A 364 -19.81 11.67 2.97
CA ALA A 364 -20.22 13.05 3.27
C ALA A 364 -20.84 13.96 2.23
N MET A 365 -20.94 13.68 0.87
CA MET A 365 -21.34 14.66 -0.20
C MET A 365 -22.80 15.05 -0.37
N ALA A 366 -23.62 15.20 0.68
CA ALA A 366 -24.93 15.77 0.93
C ALA A 366 -25.15 16.52 2.29
N GLU A 367 -24.28 16.56 3.29
CA GLU A 367 -24.10 17.61 4.35
C GLU A 367 -23.57 18.95 3.86
N GLU A 368 -24.03 19.99 4.55
CA GLU A 368 -23.73 21.33 3.97
C GLU A 368 -22.19 21.71 3.92
N GLY A 369 -21.46 20.68 4.49
CA GLY A 369 -20.00 20.54 4.72
C GLY A 369 -19.11 21.78 5.09
N ALA A 370 -19.66 22.91 5.49
CA ALA A 370 -19.60 24.33 5.38
C ALA A 370 -18.44 24.94 4.56
N LYS A 371 -17.47 24.29 3.94
CA LYS A 371 -16.40 24.68 3.07
C LYS A 371 -15.96 23.59 2.04
N GLU A 372 -16.87 22.86 1.43
CA GLU A 372 -16.57 21.49 0.91
C GLU A 372 -15.37 21.47 -0.15
N LEU A 373 -14.45 20.46 -0.10
CA LEU A 373 -13.61 20.08 -1.18
C LEU A 373 -13.60 18.50 -1.23
N ASN A 374 -13.63 17.90 -2.42
CA ASN A 374 -13.73 16.43 -2.58
C ASN A 374 -12.49 15.82 -3.19
N LEU A 375 -12.45 14.47 -3.21
CA LEU A 375 -11.52 13.56 -3.81
C LEU A 375 -11.94 12.23 -4.37
N ILE A 376 -11.37 11.71 -5.46
CA ILE A 376 -11.07 10.35 -5.93
C ILE A 376 -9.56 10.12 -6.07
N LEU A 377 -9.22 8.80 -5.90
CA LEU A 377 -7.77 8.56 -5.81
C LEU A 377 -7.19 7.66 -6.93
N ARG A 378 -5.98 7.91 -7.31
CA ARG A 378 -5.15 7.36 -8.39
C ARG A 378 -3.68 6.99 -8.02
N ALA A 379 -3.52 6.08 -7.10
CA ALA A 379 -2.21 5.64 -6.75
C ALA A 379 -1.67 4.55 -7.76
N ASP A 380 -0.40 4.49 -8.02
CA ASP A 380 0.55 3.41 -8.21
C ASP A 380 0.46 2.25 -7.28
N THR A 381 0.31 2.57 -5.99
CA THR A 381 0.69 1.89 -4.76
C THR A 381 -0.38 1.76 -3.64
N GLN A 382 -0.86 0.47 -3.43
CA GLN A 382 -1.94 0.16 -2.54
C GLN A 382 -1.76 0.58 -1.02
N GLY A 383 -0.73 1.47 -0.79
CA GLY A 383 0.07 1.38 0.50
C GLY A 383 0.36 2.82 0.94
N SER A 384 0.63 3.75 0.03
CA SER A 384 0.09 5.08 -0.16
C SER A 384 -1.42 5.21 0.02
N LEU A 385 -2.32 4.34 -0.43
CA LEU A 385 -3.80 4.76 -0.45
C LEU A 385 -4.35 4.33 0.91
N GLU A 386 -3.75 3.25 1.51
CA GLU A 386 -4.03 2.89 2.88
C GLU A 386 -3.53 3.94 3.86
N ALA A 387 -2.29 4.39 3.65
CA ALA A 387 -1.58 5.38 4.48
C ALA A 387 -2.38 6.72 4.41
N ILE A 388 -2.74 7.10 3.16
CA ILE A 388 -3.57 8.24 2.86
C ILE A 388 -4.89 8.20 3.60
N GLN A 389 -5.63 7.12 3.52
CA GLN A 389 -6.86 6.83 4.30
C GLN A 389 -6.74 6.86 5.85
N HIS A 390 -5.78 6.20 6.40
CA HIS A 390 -5.29 6.28 7.81
C HIS A 390 -4.90 7.69 8.26
N ILE A 391 -4.20 8.51 7.41
CA ILE A 391 -3.89 9.91 7.76
C ILE A 391 -5.15 10.74 7.73
N LEU A 392 -5.77 10.87 6.59
CA LEU A 392 -6.94 11.69 6.22
C LEU A 392 -8.21 11.43 7.06
N ALA A 393 -8.69 10.21 7.37
CA ALA A 393 -9.75 10.01 8.30
C ALA A 393 -9.62 10.67 9.75
N ARG A 394 -8.42 11.01 10.13
CA ARG A 394 -8.00 11.80 11.29
C ARG A 394 -7.68 13.29 11.13
N ALA A 395 -7.37 13.66 9.88
CA ALA A 395 -7.09 15.02 9.50
C ALA A 395 -8.25 16.05 9.26
N THR A 396 -9.43 15.47 9.02
CA THR A 396 -10.75 16.13 8.98
C THR A 396 -10.82 16.97 10.27
N THR A 397 -10.41 18.30 10.20
CA THR A 397 -10.24 19.32 11.27
C THR A 397 -11.08 20.56 11.06
N GLU A 398 -10.60 21.60 10.35
CA GLU A 398 -11.45 22.57 9.59
C GLU A 398 -12.61 21.91 8.85
N ASP A 399 -13.92 22.19 9.20
CA ASP A 399 -15.25 21.73 8.78
C ASP A 399 -15.57 20.66 7.68
N VAL A 400 -14.75 20.68 6.65
CA VAL A 400 -14.85 19.93 5.40
C VAL A 400 -14.56 18.40 5.76
N LYS A 401 -15.35 17.37 5.34
CA LYS A 401 -15.03 15.99 5.47
C LYS A 401 -14.66 15.29 4.22
N ILE A 402 -13.39 14.75 4.05
CA ILE A 402 -12.77 13.96 3.04
C ILE A 402 -13.76 12.84 2.57
N ASN A 403 -14.12 12.88 1.29
CA ASN A 403 -14.97 11.80 0.70
C ASN A 403 -14.14 10.99 -0.28
N ILE A 404 -13.81 9.70 0.03
CA ILE A 404 -12.84 8.84 -0.73
C ILE A 404 -13.56 7.79 -1.55
N LEU A 405 -13.95 8.05 -2.74
CA LEU A 405 -14.64 7.12 -3.71
C LEU A 405 -13.83 5.88 -4.11
N ALA A 406 -14.38 4.77 -4.63
CA ALA A 406 -13.72 3.61 -5.12
C ALA A 406 -12.32 3.82 -5.80
N ALA A 407 -11.23 3.15 -5.26
CA ALA A 407 -9.90 3.43 -5.72
C ALA A 407 -9.16 2.15 -6.17
N GLN A 408 -8.17 2.17 -6.98
CA GLN A 408 -7.21 1.14 -7.51
C GLN A 408 -5.80 1.53 -7.29
N VAL A 409 -4.94 0.55 -7.71
CA VAL A 409 -3.51 0.51 -7.93
C VAL A 409 -3.08 0.39 -9.41
N GLY A 410 -2.21 1.30 -9.82
CA GLY A 410 -1.58 1.71 -11.00
C GLY A 410 -1.93 3.12 -11.53
N ALA A 411 -1.31 3.33 -12.71
CA ALA A 411 -1.22 4.57 -13.42
C ALA A 411 -2.57 5.18 -13.82
N PRO A 412 -2.68 6.49 -13.99
CA PRO A 412 -3.83 7.12 -14.62
C PRO A 412 -4.47 6.60 -15.87
N THR A 413 -5.77 6.86 -16.01
CA THR A 413 -6.58 6.34 -17.08
C THR A 413 -7.77 7.26 -17.26
N GLU A 414 -8.52 7.05 -18.35
CA GLU A 414 -9.67 7.79 -18.80
C GLU A 414 -11.01 7.53 -17.99
N SER A 415 -11.03 6.49 -17.07
CA SER A 415 -12.07 6.24 -16.06
C SER A 415 -12.06 7.41 -15.01
N ASP A 416 -10.84 7.93 -14.61
CA ASP A 416 -10.66 8.95 -13.60
C ASP A 416 -11.16 10.34 -14.08
N VAL A 417 -11.04 10.56 -15.34
CA VAL A 417 -11.51 11.76 -15.97
C VAL A 417 -13.03 11.75 -16.35
N LEU A 418 -13.73 10.64 -16.04
CA LEU A 418 -15.24 10.50 -16.11
C LEU A 418 -15.79 10.30 -14.67
N LEU A 419 -15.03 9.85 -13.68
CA LEU A 419 -15.55 9.75 -12.29
C LEU A 419 -15.45 11.14 -11.62
N ALA A 420 -14.28 11.86 -11.87
CA ALA A 420 -13.96 13.21 -11.30
C ALA A 420 -14.85 14.27 -11.90
N GLN A 421 -15.33 14.15 -13.11
CA GLN A 421 -16.44 14.90 -13.71
C GLN A 421 -17.76 14.67 -12.89
N THR A 422 -18.36 13.45 -12.80
CA THR A 422 -19.63 13.09 -12.22
C THR A 422 -19.65 13.26 -10.70
N ALA A 423 -18.44 13.06 -10.09
CA ALA A 423 -18.38 13.35 -8.62
C ALA A 423 -17.72 14.75 -8.21
N ASN A 424 -17.41 15.69 -9.14
CA ASN A 424 -16.79 16.96 -8.88
C ASN A 424 -15.53 16.93 -8.03
N ALA A 425 -14.62 16.01 -8.39
CA ALA A 425 -13.60 15.53 -7.42
C ALA A 425 -12.13 15.78 -7.92
N ALA A 426 -11.21 15.62 -7.02
CA ALA A 426 -9.76 15.81 -7.28
C ALA A 426 -9.23 14.38 -7.33
N ILE A 427 -8.16 14.22 -8.12
CA ILE A 427 -7.48 12.92 -8.45
C ILE A 427 -6.06 12.90 -7.84
N LEU A 428 -5.89 12.16 -6.73
CA LEU A 428 -4.64 12.16 -6.00
C LEU A 428 -3.78 10.95 -6.32
N ALA A 429 -2.59 11.12 -6.92
CA ALA A 429 -1.57 10.13 -7.25
C ALA A 429 -0.24 10.39 -6.49
N PHE A 430 0.48 9.31 -6.27
CA PHE A 430 1.89 9.41 -5.82
C PHE A 430 2.68 8.25 -6.49
N GLY A 431 4.00 8.30 -6.56
CA GLY A 431 4.92 7.38 -7.31
C GLY A 431 4.77 7.44 -8.89
N VAL A 432 3.43 7.30 -9.21
CA VAL A 432 2.88 7.26 -10.55
C VAL A 432 2.59 8.70 -11.00
N ASN A 433 3.16 8.98 -12.18
CA ASN A 433 2.65 10.03 -13.05
C ASN A 433 1.51 9.59 -13.99
N PRO A 434 0.67 10.58 -14.38
CA PRO A 434 -0.39 10.29 -15.31
C PRO A 434 0.23 9.90 -16.73
N PRO A 435 -0.24 8.92 -17.47
CA PRO A 435 0.21 8.51 -18.84
C PRO A 435 -0.09 9.66 -19.86
N GLY A 436 0.08 9.26 -21.13
CA GLY A 436 0.20 10.23 -22.27
C GLY A 436 -1.10 11.09 -22.45
N SER A 437 -2.06 10.42 -23.17
CA SER A 437 -3.40 10.88 -23.18
C SER A 437 -4.07 11.42 -21.92
N VAL A 438 -3.84 10.76 -20.81
CA VAL A 438 -4.59 10.99 -19.56
C VAL A 438 -4.32 12.36 -18.86
N LYS A 439 -3.08 12.81 -18.92
CA LYS A 439 -2.79 14.17 -18.51
C LYS A 439 -3.37 15.14 -19.54
N LYS A 440 -3.20 14.96 -20.87
CA LYS A 440 -3.79 15.83 -21.89
C LYS A 440 -5.36 15.95 -21.86
N LYS A 441 -6.19 14.93 -21.51
CA LYS A 441 -7.56 14.97 -21.08
C LYS A 441 -7.77 15.74 -19.81
N ALA A 442 -7.21 15.32 -18.62
CA ALA A 442 -7.26 16.09 -17.41
C ALA A 442 -6.94 17.59 -17.35
N GLU A 443 -5.87 18.05 -18.00
CA GLU A 443 -5.32 19.34 -17.96
C GLU A 443 -6.21 20.25 -18.91
N GLU A 444 -6.91 19.79 -19.95
CA GLU A 444 -7.86 20.52 -20.77
C GLU A 444 -9.33 20.34 -20.35
N LYS A 445 -9.70 19.56 -19.37
CA LYS A 445 -10.94 19.46 -18.65
C LYS A 445 -11.08 20.08 -17.22
N GLY A 446 -9.97 20.59 -16.62
CA GLY A 446 -10.29 21.41 -15.39
C GLY A 446 -10.62 20.42 -14.25
N VAL A 447 -9.79 19.46 -14.04
CA VAL A 447 -9.72 18.78 -12.77
C VAL A 447 -8.41 19.01 -11.97
N LEU A 448 -8.28 19.30 -10.71
CA LEU A 448 -7.11 19.98 -10.20
C LEU A 448 -5.93 18.98 -9.95
N LEU A 449 -5.39 18.37 -11.05
CA LEU A 449 -4.39 17.26 -11.00
C LEU A 449 -3.05 17.73 -10.35
N LYS A 450 -2.28 16.80 -9.68
CA LYS A 450 -1.30 16.90 -8.63
C LYS A 450 -0.37 15.68 -8.73
N THR A 451 0.95 15.83 -8.59
CA THR A 451 1.82 14.65 -8.36
C THR A 451 2.71 14.99 -7.21
N PHE A 452 3.13 14.05 -6.42
CA PHE A 452 3.95 14.23 -5.19
C PHE A 452 4.89 13.08 -5.04
N ARG A 453 6.02 13.49 -4.42
CA ARG A 453 7.02 12.52 -3.96
C ARG A 453 6.76 11.77 -2.59
N ILE A 454 6.38 12.52 -1.56
CA ILE A 454 6.18 12.11 -0.16
C ILE A 454 4.67 12.18 0.05
N ILE A 455 4.01 11.22 0.76
CA ILE A 455 2.56 11.19 1.11
C ILE A 455 2.22 12.38 2.03
N TYR A 456 3.17 12.87 2.85
CA TYR A 456 3.19 14.14 3.55
C TYR A 456 3.13 15.41 2.59
N ASP A 457 3.61 15.21 1.32
CA ASP A 457 3.41 16.25 0.38
C ASP A 457 1.92 16.46 0.04
N LEU A 458 1.30 15.37 -0.41
CA LEU A 458 -0.10 15.18 -0.71
C LEU A 458 -1.07 15.64 0.39
N VAL A 459 -1.00 14.99 1.54
CA VAL A 459 -1.72 15.51 2.70
C VAL A 459 -1.50 17.00 3.08
N ASP A 460 -0.33 17.60 2.97
CA ASP A 460 -0.10 19.04 3.33
C ASP A 460 -0.44 19.97 2.09
N GLU A 461 -0.92 19.42 0.94
CA GLU A 461 -1.70 19.95 -0.21
C GLU A 461 -3.21 19.70 -0.29
N VAL A 462 -3.69 18.76 0.48
CA VAL A 462 -5.03 18.54 1.06
C VAL A 462 -5.48 19.61 2.05
N ARG A 463 -4.66 20.08 2.97
CA ARG A 463 -4.84 21.41 3.58
C ARG A 463 -5.43 22.55 2.69
N ASN A 464 -4.76 23.17 1.74
CA ASN A 464 -5.39 23.79 0.56
C ASN A 464 -6.86 23.63 0.29
N MET A 465 -7.19 22.31 0.13
CA MET A 465 -8.57 21.97 0.00
C MET A 465 -9.55 22.16 1.25
N VAL A 466 -8.96 22.54 2.36
CA VAL A 466 -9.65 22.93 3.65
C VAL A 466 -9.85 24.52 3.75
N LYS A 467 -9.45 25.24 2.66
CA LYS A 467 -9.76 26.69 2.40
C LYS A 467 -11.28 26.95 2.15
N GLY A 468 -11.88 27.06 3.37
CA GLY A 468 -13.26 27.33 3.70
C GLY A 468 -13.77 28.77 3.51
N ALA A 469 -13.36 29.46 2.46
CA ALA A 469 -13.53 30.86 2.12
C ALA A 469 -13.30 31.73 3.43
N ARG A 470 -14.35 32.49 3.90
CA ARG A 470 -14.24 33.70 4.80
C ARG A 470 -13.10 33.67 5.86
N GLU A 471 -12.86 32.64 6.57
CA GLU A 471 -11.94 32.64 7.69
C GLU A 471 -10.49 32.29 7.16
N PRO A 472 -10.19 31.23 6.35
CA PRO A 472 -8.78 30.95 6.00
C PRO A 472 -8.04 31.78 4.95
N GLN A 473 -8.67 32.72 4.28
CA GLN A 473 -8.27 33.93 3.62
C GLN A 473 -7.27 34.81 4.41
N TYR A 474 -7.56 35.04 5.72
CA TYR A 474 -6.92 35.91 6.75
C TYR A 474 -6.39 37.26 6.38
N LYS A 475 -6.41 37.76 5.11
CA LYS A 475 -6.30 39.13 4.67
C LYS A 475 -7.18 40.08 5.48
N GLU A 476 -6.67 41.22 6.00
CA GLU A 476 -7.56 42.19 6.68
C GLU A 476 -8.32 43.16 5.67
N GLU A 477 -8.75 42.69 4.48
CA GLU A 477 -8.82 43.57 3.31
C GLU A 477 -10.07 44.46 3.21
N VAL A 478 -10.21 45.41 4.15
CA VAL A 478 -11.27 46.42 4.24
C VAL A 478 -12.58 45.89 4.83
N LEU A 479 -12.99 46.40 6.02
CA LEU A 479 -14.20 45.94 6.67
C LEU A 479 -15.38 46.86 6.46
N GLY A 480 -15.14 48.11 6.02
CA GLY A 480 -16.03 48.82 5.09
C GLY A 480 -15.75 50.31 4.94
N GLN A 481 -15.43 50.82 3.78
CA GLN A 481 -16.12 51.44 2.74
C GLN A 481 -17.64 51.75 2.95
N ALA A 482 -18.05 52.95 2.78
CA ALA A 482 -19.21 53.74 2.94
C ALA A 482 -19.13 55.09 2.18
N GLU A 483 -20.10 55.35 1.25
CA GLU A 483 -20.23 56.59 0.51
C GLU A 483 -20.71 57.71 1.35
N VAL A 484 -20.18 58.95 1.39
CA VAL A 484 -20.83 60.07 2.17
C VAL A 484 -22.13 60.52 1.51
N ARG A 485 -23.06 60.95 2.35
CA ARG A 485 -24.45 61.35 1.98
C ARG A 485 -24.72 62.83 2.31
N ALA A 486 -24.68 63.20 3.60
CA ALA A 486 -24.79 64.63 3.90
C ALA A 486 -23.64 65.00 4.95
N ILE A 487 -23.89 66.06 5.74
CA ILE A 487 -23.37 66.41 7.05
C ILE A 487 -24.20 67.46 7.73
N PHE A 488 -24.40 67.31 9.09
CA PHE A 488 -25.11 68.34 9.93
C PHE A 488 -23.92 69.23 10.50
N ARG A 489 -23.65 70.42 9.97
CA ARG A 489 -23.21 71.61 10.66
C ARG A 489 -24.47 72.27 11.32
N LEU A 490 -25.04 71.47 12.30
CA LEU A 490 -26.17 71.81 13.13
C LEU A 490 -25.75 72.35 14.55
N PRO A 491 -26.03 73.63 14.95
CA PRO A 491 -25.55 74.11 16.26
C PRO A 491 -26.07 73.59 17.60
N THR A 492 -26.53 72.34 17.64
CA THR A 492 -26.76 71.33 18.68
C THR A 492 -26.03 70.01 18.54
N GLY A 493 -24.93 70.05 17.69
CA GLY A 493 -24.27 68.71 17.44
C GLY A 493 -22.73 68.84 17.49
N LYS A 494 -22.13 68.38 16.43
CA LYS A 494 -20.64 68.42 16.25
C LYS A 494 -20.29 68.56 14.71
N GLN A 495 -20.22 67.37 14.16
CA GLN A 495 -19.96 67.35 12.67
C GLN A 495 -20.36 65.99 11.98
N VAL A 496 -21.66 65.53 12.12
CA VAL A 496 -21.98 64.07 11.79
C VAL A 496 -22.38 64.10 10.30
N ALA A 497 -21.77 63.10 9.65
CA ALA A 497 -21.93 62.81 8.18
C ALA A 497 -22.65 61.50 7.87
N GLY A 498 -23.87 61.56 7.25
CA GLY A 498 -24.53 60.37 6.75
C GLY A 498 -23.54 59.56 5.94
N CYS A 499 -23.46 58.20 6.12
CA CYS A 499 -22.77 57.22 5.35
C CYS A 499 -23.48 55.84 5.08
N MET A 500 -23.55 55.44 3.85
CA MET A 500 -24.24 54.21 3.46
C MET A 500 -23.08 53.20 3.25
N VAL A 501 -23.34 52.05 3.97
CA VAL A 501 -22.33 50.97 4.03
C VAL A 501 -22.32 50.29 2.64
N THR A 502 -21.18 49.58 2.31
CA THR A 502 -20.97 48.74 1.19
C THR A 502 -20.14 47.49 1.43
N GLN A 503 -19.75 47.18 2.68
CA GLN A 503 -19.27 45.91 3.24
C GLN A 503 -20.08 45.41 4.45
N GLY A 504 -19.44 45.02 5.61
CA GLY A 504 -20.01 44.35 6.82
C GLY A 504 -20.77 45.42 7.65
N ARG A 505 -20.06 46.11 8.55
CA ARG A 505 -20.68 47.10 9.46
C ARG A 505 -19.93 48.42 9.54
N ILE A 506 -20.48 49.56 9.78
CA ILE A 506 -19.90 50.75 10.38
C ILE A 506 -20.22 50.93 11.86
N PRO A 507 -19.15 50.98 12.71
CA PRO A 507 -19.50 50.93 14.18
C PRO A 507 -19.01 52.21 14.91
N ARG A 508 -19.52 52.59 16.09
CA ARG A 508 -18.88 53.56 16.96
C ARG A 508 -17.51 53.00 17.54
N ASN A 509 -17.43 51.73 17.75
CA ASN A 509 -16.21 50.96 18.19
C ASN A 509 -15.39 50.57 16.97
N ALA A 510 -14.70 51.53 16.27
CA ALA A 510 -13.98 51.23 15.07
C ALA A 510 -13.07 52.37 14.55
N GLU A 511 -11.90 52.08 13.93
CA GLU A 511 -11.02 52.95 13.11
C GLU A 511 -11.61 53.43 11.74
N VAL A 512 -11.20 54.51 11.07
CA VAL A 512 -11.63 55.17 9.89
C VAL A 512 -10.55 55.66 8.95
N ARG A 513 -10.69 55.42 7.64
CA ARG A 513 -9.90 55.84 6.47
C ARG A 513 -10.84 56.69 5.65
N VAL A 514 -10.35 57.52 4.70
CA VAL A 514 -11.13 58.32 3.72
C VAL A 514 -10.44 58.37 2.38
N LEU A 515 -11.00 57.79 1.29
CA LEU A 515 -10.31 57.62 -0.05
C LEU A 515 -10.94 58.45 -1.18
N ARG A 516 -10.22 59.42 -1.77
CA ARG A 516 -10.83 60.40 -2.70
C ARG A 516 -10.88 59.68 -4.07
N ASP A 517 -11.38 60.32 -5.12
CA ASP A 517 -11.19 60.23 -6.52
C ASP A 517 -9.75 60.47 -7.00
N GLY A 518 -8.76 59.82 -6.32
CA GLY A 518 -7.34 59.92 -6.67
C GLY A 518 -6.37 60.16 -5.53
N GLN A 519 -6.83 60.31 -4.27
CA GLN A 519 -5.93 60.65 -3.16
C GLN A 519 -6.39 60.04 -1.85
N VAL A 520 -5.47 59.60 -0.95
CA VAL A 520 -5.84 59.31 0.43
C VAL A 520 -6.05 60.60 1.21
N ILE A 521 -7.24 60.82 1.81
CA ILE A 521 -7.63 62.03 2.45
C ILE A 521 -6.91 62.11 3.83
N TRP A 522 -7.36 61.14 4.68
CA TRP A 522 -6.96 61.04 6.09
C TRP A 522 -7.31 59.73 6.77
N GLN A 523 -6.68 59.31 7.90
CA GLN A 523 -6.83 58.06 8.61
C GLN A 523 -6.84 58.25 10.15
N GLY A 524 -7.63 57.50 10.97
CA GLY A 524 -7.81 57.65 12.40
C GLY A 524 -8.81 56.76 13.14
N ARG A 525 -9.69 57.33 14.05
CA ARG A 525 -10.89 56.57 14.55
C ARG A 525 -12.19 57.34 14.83
N ILE A 526 -13.32 56.67 15.03
CA ILE A 526 -14.66 57.35 15.23
C ILE A 526 -14.61 58.02 16.62
N ALA A 527 -14.99 59.34 16.65
CA ALA A 527 -15.04 60.09 17.96
C ALA A 527 -16.50 60.52 18.39
N SER A 528 -17.37 60.76 17.36
CA SER A 528 -18.76 61.12 17.47
C SER A 528 -19.77 60.41 16.61
N LEU A 529 -21.02 60.56 16.87
CA LEU A 529 -22.17 59.74 16.45
C LEU A 529 -23.53 60.55 16.66
N LYS A 530 -24.14 61.07 15.54
CA LYS A 530 -25.27 61.93 15.34
C LYS A 530 -26.22 61.65 14.21
N ARG A 531 -27.50 61.42 14.39
CA ARG A 531 -28.61 61.37 13.34
C ARG A 531 -29.35 62.68 13.35
N PHE A 532 -29.93 62.97 12.19
CA PHE A 532 -31.10 63.89 12.07
C PHE A 532 -32.26 63.53 13.04
N LYS A 533 -32.33 62.25 13.50
CA LYS A 533 -33.23 61.87 14.60
C LYS A 533 -32.70 61.94 16.06
N GLU A 534 -31.53 61.41 16.47
CA GLU A 534 -30.89 61.40 17.73
C GLU A 534 -29.41 60.98 17.74
N ASP A 535 -28.71 61.11 18.88
CA ASP A 535 -27.28 60.74 18.93
C ASP A 535 -27.05 59.29 19.25
N VAL A 536 -27.53 58.31 18.48
CA VAL A 536 -27.41 56.86 18.48
C VAL A 536 -25.94 56.29 18.62
N ARG A 537 -25.62 55.24 19.35
CA ARG A 537 -24.21 54.66 19.50
C ARG A 537 -23.82 53.52 18.49
N GLU A 538 -24.71 53.04 17.64
CA GLU A 538 -24.50 52.21 16.48
C GLU A 538 -25.52 52.36 15.37
N VAL A 539 -25.16 51.94 14.17
CA VAL A 539 -25.88 51.80 12.88
C VAL A 539 -25.65 50.46 12.30
N ALA A 540 -26.75 49.72 11.97
CA ALA A 540 -26.75 48.37 11.52
C ALA A 540 -27.72 47.97 10.38
N GLN A 541 -27.33 47.14 9.41
CA GLN A 541 -27.82 46.67 8.14
C GLN A 541 -27.50 47.36 6.81
N GLY A 542 -27.80 48.67 6.76
CA GLY A 542 -27.45 49.61 5.64
C GLY A 542 -27.86 51.08 5.97
N TYR A 543 -28.42 51.33 7.11
CA TYR A 543 -29.02 52.59 7.54
C TYR A 543 -27.87 53.64 7.58
N GLU A 544 -28.38 54.90 7.66
CA GLU A 544 -27.61 56.16 7.78
C GLU A 544 -27.41 56.76 9.17
N CYS A 545 -26.18 57.29 9.34
CA CYS A 545 -26.04 58.20 10.56
C CYS A 545 -24.91 59.18 10.21
N GLY A 546 -24.81 60.24 11.03
CA GLY A 546 -23.70 61.11 11.07
C GLY A 546 -22.60 60.54 11.90
N ILE A 547 -21.43 60.07 11.54
CA ILE A 547 -20.15 59.86 12.35
C ILE A 547 -19.19 61.08 12.35
N GLY A 548 -18.41 60.98 13.43
CA GLY A 548 -17.43 62.10 13.54
C GLY A 548 -16.08 61.55 13.00
N LEU A 549 -15.20 62.37 12.48
CA LEU A 549 -13.94 62.10 11.71
C LEU A 549 -12.91 63.05 12.18
N ASP A 550 -12.53 62.78 13.47
CA ASP A 550 -11.42 63.47 14.16
C ASP A 550 -11.40 65.09 14.10
N GLY A 551 -10.27 65.70 13.64
CA GLY A 551 -10.11 66.88 12.88
C GLY A 551 -10.03 66.65 11.34
N PHE A 552 -11.20 67.01 10.69
CA PHE A 552 -11.55 67.20 9.32
C PHE A 552 -11.79 68.66 9.00
N ASP A 553 -11.91 68.97 7.69
CA ASP A 553 -12.38 70.31 7.11
C ASP A 553 -12.98 70.20 5.66
N ASP A 554 -12.94 69.12 4.89
CA ASP A 554 -13.51 69.24 3.54
C ASP A 554 -15.05 68.81 3.62
N PHE A 555 -15.84 69.27 4.55
CA PHE A 555 -17.25 69.18 4.78
C PHE A 555 -18.10 69.43 3.48
N ARG A 556 -19.36 69.16 3.77
CA ARG A 556 -20.67 68.79 3.19
C ARG A 556 -20.51 68.14 1.85
N GLU A 557 -20.55 66.84 1.77
CA GLU A 557 -20.93 65.84 0.78
C GLU A 557 -19.73 65.40 -0.12
N GLY A 558 -18.52 65.56 0.53
CA GLY A 558 -17.35 65.56 -0.35
C GLY A 558 -17.28 64.28 -1.16
N ASP A 559 -17.30 63.08 -0.47
CA ASP A 559 -17.38 61.86 -1.17
C ASP A 559 -17.27 60.60 -0.21
N VAL A 560 -17.24 59.33 -0.72
CA VAL A 560 -17.25 58.02 -0.05
C VAL A 560 -16.00 57.91 0.81
N ILE A 561 -16.26 57.23 1.95
CA ILE A 561 -15.54 56.86 3.15
C ILE A 561 -15.20 55.39 3.12
N GLU A 562 -14.17 55.04 3.79
CA GLU A 562 -13.83 53.56 3.82
C GLU A 562 -13.17 53.27 5.20
N ALA A 563 -14.02 52.82 6.18
CA ALA A 563 -13.79 52.28 7.49
C ALA A 563 -13.42 50.80 7.56
N PHE A 564 -12.40 50.49 8.37
CA PHE A 564 -11.82 49.12 8.66
C PHE A 564 -11.47 48.79 10.16
N GLN A 565 -11.66 47.52 10.56
CA GLN A 565 -10.96 46.90 11.66
C GLN A 565 -10.60 45.42 11.46
N MET A 566 -10.87 44.59 12.52
CA MET A 566 -11.12 43.11 12.40
C MET A 566 -12.56 42.66 12.64
N VAL A 567 -12.96 41.49 12.20
CA VAL A 567 -14.31 40.87 12.13
C VAL A 567 -14.97 40.62 13.50
N GLU A 568 -15.26 41.67 14.23
CA GLU A 568 -15.37 41.94 15.68
C GLU A 568 -16.63 42.75 16.22
N VAL A 569 -17.36 43.36 15.28
CA VAL A 569 -17.28 44.84 15.48
C VAL A 569 -18.46 45.56 16.21
#